data_4GZF
#
_entry.id   4GZF
#
_cell.length_a   62.294
_cell.length_b   62.294
_cell.length_c   84.049
_cell.angle_alpha   90.00
_cell.angle_beta   90.00
_cell.angle_gamma   120.00
#
_symmetry.space_group_name_H-M   'P 61'
#
loop_
_entity.id
_entity.type
_entity.pdbx_description
1 polymer Protease
2 polymer 'LrF peptide'
3 water water
#
loop_
_entity_poly.entity_id
_entity_poly.type
_entity_poly.pdbx_seq_one_letter_code
_entity_poly.pdbx_strand_id
1 'polypeptide(L)'
;PQITLWKRPIVTIKIGGQLKEALLNTGADDTVLEEVNLPGRWKPKLIGGIGGFVKVRQYDQVPIEICGHKVIGTVLVGPT
PTNVIGRNLMTQIGCTLNF
;
A,B
2 'polypeptide(L)' RV(DC0)EA(NLE) C
#
# COMPACT_ATOMS: atom_id res chain seq x y z
N PRO A 1 -1.54 13.91 -13.48
CA PRO A 1 -0.12 13.57 -13.45
C PRO A 1 0.09 12.07 -13.53
N GLN A 2 1.24 11.68 -14.08
CA GLN A 2 1.74 10.34 -13.97
C GLN A 2 2.80 10.34 -12.86
N ILE A 3 2.79 9.31 -12.00
CA ILE A 3 3.75 9.22 -10.92
C ILE A 3 4.45 7.87 -11.09
N THR A 4 5.78 7.86 -11.20
CA THR A 4 6.48 6.57 -11.27
C THR A 4 6.76 6.13 -9.83
N LEU A 5 7.32 4.95 -9.66
CA LEU A 5 7.41 4.34 -8.34
C LEU A 5 8.83 4.18 -7.83
N TRP A 6 9.78 4.90 -8.45
CA TRP A 6 11.20 4.85 -7.99
C TRP A 6 11.41 5.45 -6.60
N LYS A 7 10.50 6.34 -6.23
CA LYS A 7 10.42 6.94 -4.90
C LYS A 7 8.99 6.79 -4.41
N ARG A 8 8.79 7.00 -3.12
CA ARG A 8 7.44 6.88 -2.59
C ARG A 8 6.50 7.90 -3.19
N PRO A 9 5.27 7.49 -3.55
CA PRO A 9 4.35 8.42 -4.19
C PRO A 9 3.57 9.32 -3.19
N ILE A 10 4.23 10.40 -2.77
CA ILE A 10 3.74 11.23 -1.68
C ILE A 10 3.12 12.45 -2.34
N VAL A 11 1.98 12.90 -1.82
CA VAL A 11 1.31 14.09 -2.34
C VAL A 11 0.90 15.02 -1.20
N THR A 12 0.65 16.29 -1.54
CA THR A 12 0.26 17.23 -0.53
C THR A 12 -1.28 17.29 -0.50
N ILE A 13 -1.83 17.22 0.70
CA ILE A 13 -3.27 17.30 0.88
C ILE A 13 -3.59 18.51 1.80
N LYS A 14 -4.80 19.01 1.66
CA LYS A 14 -5.37 19.87 2.68
C LYS A 14 -6.61 19.24 3.27
N ILE A 15 -6.67 19.20 4.59
CA ILE A 15 -7.74 18.57 5.29
C ILE A 15 -7.97 19.28 6.62
N GLY A 16 -9.19 19.68 6.85
CA GLY A 16 -9.51 20.35 8.14
C GLY A 16 -8.80 21.68 8.22
N GLY A 17 -8.58 22.30 7.05
CA GLY A 17 -7.83 23.54 7.02
C GLY A 17 -6.33 23.41 7.27
N GLN A 18 -5.79 22.19 7.38
CA GLN A 18 -4.35 21.95 7.65
C GLN A 18 -3.71 21.24 6.50
N LEU A 19 -2.39 21.37 6.39
CA LEU A 19 -1.69 20.91 5.22
C LEU A 19 -0.93 19.68 5.68
N LYS A 20 -0.98 18.59 4.93
CA LYS A 20 -0.26 17.37 5.36
C LYS A 20 0.32 16.78 4.12
N GLU A 21 1.27 15.86 4.28
CA GLU A 21 1.49 15.00 3.15
C GLU A 21 1.10 13.53 3.47
N ALA A 22 0.91 12.75 2.43
CA ALA A 22 0.32 11.42 2.57
C ALA A 22 0.70 10.56 1.36
N LEU A 23 0.84 9.23 1.62
CA LEU A 23 1.31 8.27 0.65
C LEU A 23 0.10 7.67 -0.12
N LEU A 24 0.12 7.82 -1.43
CA LEU A 24 -0.87 7.15 -2.31
C LEU A 24 -0.56 5.65 -2.22
N ASN A 25 -1.51 4.93 -1.64
CA ASN A 25 -1.36 3.58 -1.16
C ASN A 25 -2.42 2.66 -1.75
N THR A 26 -2.12 2.04 -2.90
CA THR A 26 -2.99 1.02 -3.50
C THR A 26 -3.19 -0.23 -2.63
N GLY A 27 -2.32 -0.45 -1.64
CA GLY A 27 -2.45 -1.55 -0.66
C GLY A 27 -3.41 -1.27 0.50
N ALA A 28 -3.99 -0.08 0.50
CA ALA A 28 -4.88 0.30 1.58
C ALA A 28 -6.32 0.51 1.05
N ASP A 29 -7.27 -0.27 1.57
CA ASP A 29 -8.71 0.00 1.32
C ASP A 29 -9.13 1.39 1.77
N ASP A 30 -8.61 1.83 2.93
CA ASP A 30 -9.06 3.05 3.63
C ASP A 30 -7.97 4.14 3.78
N THR A 31 -8.38 5.37 4.14
CA THR A 31 -7.44 6.49 4.26
C THR A 31 -7.20 6.66 5.74
N VAL A 32 -5.92 6.63 6.14
CA VAL A 32 -5.59 6.75 7.56
C VAL A 32 -4.65 7.96 7.81
N LEU A 33 -5.07 8.93 8.60
CA LEU A 33 -4.16 10.04 8.94
C LEU A 33 -3.93 10.13 10.44
N GLU A 34 -2.78 10.65 10.85
CA GLU A 34 -2.64 11.09 12.26
C GLU A 34 -2.45 12.61 12.42
N GLU A 35 -2.78 13.09 13.62
CA GLU A 35 -2.69 14.48 14.03
C GLU A 35 -3.31 15.46 13.05
N VAL A 36 -4.46 15.06 12.53
CA VAL A 36 -5.32 15.98 11.86
C VAL A 36 -6.35 16.21 12.96
N ASN A 37 -7.08 17.29 12.91
CA ASN A 37 -8.27 17.24 13.76
C ASN A 37 -9.51 17.62 13.08
N LEU A 38 -10.36 16.63 13.00
CA LEU A 38 -11.57 16.75 12.28
C LEU A 38 -12.64 17.21 13.30
N PRO A 39 -13.63 18.00 12.86
CA PRO A 39 -14.72 18.37 13.79
C PRO A 39 -15.81 17.31 13.96
N GLY A 40 -16.42 17.20 15.12
CA GLY A 40 -17.69 16.45 15.20
C GLY A 40 -17.62 14.99 15.65
N ARG A 41 -18.73 14.26 15.44
CA ARG A 41 -18.91 12.88 15.86
C ARG A 41 -18.07 11.95 14.98
N TRP A 42 -17.65 10.85 15.58
CA TRP A 42 -16.96 9.79 14.87
C TRP A 42 -17.45 8.44 15.39
N LYS A 43 -17.01 7.34 14.75
CA LYS A 43 -17.27 5.99 15.27
C LYS A 43 -15.94 5.22 15.50
N PRO A 44 -15.80 4.50 16.64
CA PRO A 44 -14.57 3.75 16.92
C PRO A 44 -14.46 2.64 15.89
N LYS A 45 -13.23 2.41 15.39
CA LYS A 45 -12.95 1.32 14.45
C LYS A 45 -11.57 0.75 14.67
N LEU A 46 -11.37 -0.47 14.20
CA LEU A 46 -10.05 -1.09 14.24
C LEU A 46 -9.67 -1.47 12.81
N ILE A 47 -8.41 -1.19 12.47
CA ILE A 47 -7.88 -1.52 11.13
C ILE A 47 -6.64 -2.41 11.23
N GLY A 48 -6.40 -3.24 10.22
CA GLY A 48 -5.30 -4.20 10.33
C GLY A 48 -4.24 -3.95 9.29
N GLY A 49 -3.00 -4.12 9.67
CA GLY A 49 -1.93 -4.04 8.68
C GLY A 49 -0.98 -5.19 8.88
N ILE A 50 0.22 -5.04 8.31
CA ILE A 50 1.26 -6.07 8.30
C ILE A 50 1.55 -6.73 9.67
N GLY A 51 1.70 -5.89 10.71
CA GLY A 51 2.14 -6.29 12.08
C GLY A 51 1.07 -6.24 13.19
N GLY A 52 -0.19 -6.04 12.81
CA GLY A 52 -1.28 -6.11 13.76
C GLY A 52 -2.39 -5.13 13.46
N PHE A 53 -3.16 -4.76 14.50
CA PHE A 53 -4.32 -3.89 14.37
C PHE A 53 -4.10 -2.60 15.22
N VAL A 54 -4.74 -1.50 14.83
CA VAL A 54 -4.79 -0.31 15.68
C VAL A 54 -6.21 0.27 15.76
N LYS A 55 -6.43 1.01 16.83
CA LYS A 55 -7.73 1.65 17.02
C LYS A 55 -7.70 3.00 16.32
N VAL A 56 -8.75 3.30 15.58
CA VAL A 56 -8.82 4.59 14.88
C VAL A 56 -10.20 5.18 15.11
N ARG A 57 -10.32 6.50 14.95
CA ARG A 57 -11.66 7.12 14.85
C ARG A 57 -12.06 7.17 13.38
N GLN A 58 -13.30 6.80 13.07
CA GLN A 58 -13.84 6.94 11.74
C GLN A 58 -14.72 8.19 11.59
N TYR A 59 -14.36 9.08 10.66
CA TYR A 59 -15.15 10.26 10.33
C TYR A 59 -15.74 10.12 8.90
N ASP A 60 -17.03 10.37 8.76
CA ASP A 60 -17.66 10.28 7.45
C ASP A 60 -17.77 11.63 6.76
N GLN A 61 -17.74 11.59 5.45
CA GLN A 61 -17.98 12.77 4.64
C GLN A 61 -17.05 13.93 5.02
N VAL A 62 -15.76 13.62 5.03
CA VAL A 62 -14.72 14.63 5.33
C VAL A 62 -14.17 15.18 4.01
N PRO A 63 -14.25 16.53 3.81
CA PRO A 63 -13.67 17.19 2.66
C PRO A 63 -12.16 17.13 2.73
N ILE A 64 -11.54 16.75 1.62
CA ILE A 64 -10.11 16.55 1.53
C ILE A 64 -9.64 16.97 0.13
N GLU A 65 -8.63 17.81 0.07
CA GLU A 65 -8.12 18.25 -1.26
C GLU A 65 -6.82 17.56 -1.46
N ILE A 66 -6.70 16.83 -2.57
CA ILE A 66 -5.65 15.79 -2.70
C ILE A 66 -4.91 16.08 -3.98
N CYS A 67 -3.72 16.65 -3.84
CA CYS A 67 -2.99 17.10 -5.00
C CYS A 67 -3.89 17.99 -5.90
N GLY A 68 -4.63 18.95 -5.29
CA GLY A 68 -5.33 20.03 -6.02
C GLY A 68 -6.68 19.58 -6.57
N HIS A 69 -7.17 18.44 -6.07
CA HIS A 69 -8.44 17.80 -6.49
C HIS A 69 -9.31 17.69 -5.21
N LYS A 70 -10.50 18.26 -5.25
CA LYS A 70 -11.41 18.23 -4.11
C LYS A 70 -12.31 17.00 -4.11
N VAL A 71 -12.31 16.28 -2.99
CA VAL A 71 -12.98 15.00 -2.80
C VAL A 71 -13.63 14.98 -1.40
N ILE A 72 -14.59 14.10 -1.17
CA ILE A 72 -15.23 13.93 0.14
C ILE A 72 -15.34 12.47 0.41
N GLY A 73 -14.89 12.04 1.57
CA GLY A 73 -15.10 10.65 1.91
C GLY A 73 -14.75 10.37 3.33
N THR A 74 -14.67 9.08 3.64
CA THR A 74 -14.28 8.66 4.98
C THR A 74 -12.81 8.75 5.24
N VAL A 75 -12.49 9.29 6.42
CA VAL A 75 -11.15 9.48 6.85
C VAL A 75 -11.03 8.91 8.25
N LEU A 76 -10.03 8.03 8.40
CA LEU A 76 -9.74 7.38 9.69
C LEU A 76 -8.56 8.09 10.32
N VAL A 77 -8.67 8.38 11.62
CA VAL A 77 -7.66 9.09 12.32
C VAL A 77 -7.12 8.24 13.46
N GLY A 78 -5.81 8.00 13.45
CA GLY A 78 -5.19 7.11 14.43
C GLY A 78 -3.69 6.88 14.19
N PRO A 79 -3.04 6.07 15.03
CA PRO A 79 -1.62 5.67 14.89
C PRO A 79 -1.22 5.05 13.56
N THR A 80 -0.36 5.74 12.85
CA THR A 80 0.17 5.14 11.67
C THR A 80 1.55 5.71 11.43
N PRO A 81 2.52 4.85 11.06
CA PRO A 81 3.87 5.35 10.86
C PRO A 81 3.87 6.43 9.81
N THR A 82 2.88 6.40 8.90
CA THR A 82 2.77 7.43 7.91
C THR A 82 1.35 7.62 7.39
N ASN A 83 1.06 8.83 6.88
CA ASN A 83 -0.28 9.19 6.43
C ASN A 83 -0.49 8.46 5.14
N VAL A 84 -1.67 7.89 5.00
CA VAL A 84 -2.03 7.10 3.80
C VAL A 84 -3.35 7.56 3.17
N ILE A 85 -3.38 7.72 1.84
CA ILE A 85 -4.64 7.86 1.07
C ILE A 85 -4.94 6.47 0.46
N GLY A 86 -6.09 5.91 0.83
CA GLY A 86 -6.43 4.55 0.37
C GLY A 86 -7.30 4.61 -0.83
N ARG A 87 -7.75 3.42 -1.27
CA ARG A 87 -8.50 3.33 -2.53
C ARG A 87 -9.83 4.13 -2.50
N ASN A 88 -10.42 4.31 -1.30
CA ASN A 88 -11.74 4.92 -1.15
C ASN A 88 -11.64 6.36 -1.67
N LEU A 89 -10.51 7.01 -1.44
CA LEU A 89 -10.27 8.37 -2.06
C LEU A 89 -9.65 8.35 -3.42
N MET A 90 -8.79 7.36 -3.69
CA MET A 90 -8.11 7.27 -4.98
C MET A 90 -9.05 7.12 -6.16
N THR A 91 -10.12 6.36 -5.98
CA THR A 91 -11.13 6.19 -7.01
C THR A 91 -11.86 7.48 -7.27
N GLN A 92 -11.97 8.31 -6.23
CA GLN A 92 -12.58 9.60 -6.40
C GLN A 92 -11.74 10.51 -7.23
N ILE A 93 -10.43 10.43 -7.14
CA ILE A 93 -9.67 11.29 -8.02
C ILE A 93 -9.41 10.67 -9.40
N GLY A 94 -9.98 9.49 -9.65
CA GLY A 94 -9.71 8.78 -10.87
C GLY A 94 -8.30 8.17 -11.00
N CYS A 95 -7.65 7.86 -9.88
CA CYS A 95 -6.33 7.25 -9.91
C CYS A 95 -6.33 5.76 -10.36
N THR A 96 -5.39 5.41 -11.27
CA THR A 96 -5.19 4.01 -11.76
C THR A 96 -3.72 3.52 -11.72
N LEU A 97 -3.54 2.22 -11.70
CA LEU A 97 -2.22 1.65 -11.99
C LEU A 97 -2.13 1.29 -13.45
N ASN A 98 -0.95 1.51 -14.04
CA ASN A 98 -0.74 1.32 -15.47
C ASN A 98 0.61 0.64 -15.62
N PHE A 99 0.66 -0.46 -16.37
CA PHE A 99 1.95 -1.07 -16.78
C PHE A 99 1.91 -1.75 -18.15
N PRO B 1 -1.54 -3.70 -18.65
CA PRO B 1 -2.90 -3.22 -18.56
C PRO B 1 -3.03 -1.92 -17.77
N GLN B 2 -4.26 -1.41 -17.73
CA GLN B 2 -4.62 -0.38 -16.79
C GLN B 2 -5.57 -1.02 -15.75
N ILE B 3 -5.39 -0.65 -14.48
CA ILE B 3 -6.12 -1.27 -13.42
C ILE B 3 -6.68 -0.11 -12.60
N THR B 4 -8.01 -0.05 -12.46
CA THR B 4 -8.65 0.97 -11.64
C THR B 4 -8.65 0.42 -10.23
N LEU B 5 -9.03 1.26 -9.29
CA LEU B 5 -8.90 0.95 -7.87
C LEU B 5 -10.24 0.73 -7.17
N TRP B 6 -11.29 0.44 -7.94
CA TRP B 6 -12.60 0.11 -7.32
C TRP B 6 -12.62 -1.17 -6.53
N LYS B 7 -11.76 -2.11 -6.90
CA LYS B 7 -11.36 -3.16 -5.97
C LYS B 7 -9.85 -3.30 -5.86
N ARG B 8 -9.44 -4.23 -5.00
CA ARG B 8 -8.04 -4.51 -4.71
C ARG B 8 -7.25 -4.93 -5.94
N PRO B 9 -6.14 -4.23 -6.22
CA PRO B 9 -5.35 -4.51 -7.39
C PRO B 9 -4.50 -5.80 -7.21
N ILE B 10 -5.18 -6.93 -7.37
CA ILE B 10 -4.57 -8.20 -7.14
C ILE B 10 -4.16 -8.84 -8.46
N VAL B 11 -2.90 -9.34 -8.54
CA VAL B 11 -2.43 -10.02 -9.73
C VAL B 11 -1.94 -11.45 -9.44
N THR B 12 -1.84 -12.25 -10.49
CA THR B 12 -1.38 -13.61 -10.37
C THR B 12 0.15 -13.57 -10.58
N ILE B 13 0.92 -14.24 -9.73
CA ILE B 13 2.40 -14.33 -9.92
C ILE B 13 2.85 -15.80 -9.94
N LYS B 14 4.01 -16.05 -10.54
CA LYS B 14 4.67 -17.35 -10.36
C LYS B 14 6.03 -17.11 -9.76
N ILE B 15 6.36 -17.83 -8.71
CA ILE B 15 7.62 -17.62 -8.00
C ILE B 15 8.06 -18.97 -7.48
N GLY B 16 9.29 -19.36 -7.81
CA GLY B 16 9.82 -20.64 -7.31
C GLY B 16 8.93 -21.79 -7.73
N GLY B 17 8.40 -21.71 -8.96
CA GLY B 17 7.52 -22.73 -9.48
C GLY B 17 6.14 -22.89 -8.86
N GLN B 18 5.74 -21.99 -7.96
CA GLN B 18 4.41 -22.01 -7.27
C GLN B 18 3.63 -20.82 -7.79
N LEU B 19 2.32 -20.95 -7.81
CA LEU B 19 1.45 -19.91 -8.31
C LEU B 19 0.80 -19.23 -7.12
N LYS B 20 0.82 -17.90 -7.11
CA LYS B 20 0.24 -17.17 -5.99
C LYS B 20 -0.51 -15.90 -6.49
N GLU B 21 -1.31 -15.30 -5.63
CA GLU B 21 -1.92 -13.99 -5.91
C GLU B 21 -1.25 -13.00 -4.98
N ALA B 22 -1.16 -11.77 -5.43
CA ALA B 22 -0.51 -10.72 -4.70
C ALA B 22 -1.06 -9.37 -5.03
N LEU B 23 -0.98 -8.49 -4.06
CA LEU B 23 -1.65 -7.21 -4.15
C LEU B 23 -0.58 -6.20 -4.58
N LEU B 24 -0.88 -5.48 -5.66
CA LEU B 24 0.00 -4.40 -6.16
C LEU B 24 -0.12 -3.24 -5.18
N ASN B 25 0.96 -2.98 -4.45
CA ASN B 25 0.93 -2.16 -3.27
C ASN B 25 1.87 -0.96 -3.38
N THR B 26 1.39 0.17 -3.93
CA THR B 26 2.25 1.39 -3.93
C THR B 26 2.69 1.87 -2.55
N GLY B 27 2.03 1.38 -1.49
CA GLY B 27 2.37 1.73 -0.11
C GLY B 27 3.46 0.85 0.52
N ALA B 28 3.98 -0.10 -0.24
CA ALA B 28 5.06 -0.97 0.29
C ALA B 28 6.36 -0.69 -0.47
N ASP B 29 7.45 -0.48 0.28
CA ASP B 29 8.75 -0.32 -0.37
C ASP B 29 9.24 -1.63 -0.93
N ASP B 30 8.89 -2.70 -0.21
CA ASP B 30 9.39 -4.06 -0.44
C ASP B 30 8.25 -5.07 -0.76
N THR B 31 8.62 -6.25 -1.26
CA THR B 31 7.68 -7.30 -1.68
C THR B 31 7.75 -8.34 -0.58
N VAL B 32 6.59 -8.67 -0.02
CA VAL B 32 6.48 -9.63 1.06
C VAL B 32 5.46 -10.71 0.74
N LEU B 33 5.86 -11.97 0.85
CA LEU B 33 4.98 -13.10 0.59
C LEU B 33 5.01 -14.06 1.75
N GLU B 34 3.92 -14.80 1.93
CA GLU B 34 3.98 -15.97 2.82
C GLU B 34 3.80 -17.24 2.02
N GLU B 35 4.22 -18.32 2.64
CA GLU B 35 4.02 -19.66 2.16
C GLU B 35 4.61 -19.90 0.78
N VAL B 36 5.75 -19.27 0.58
CA VAL B 36 6.50 -19.54 -0.60
C VAL B 36 7.72 -20.33 -0.11
N ASN B 37 8.19 -21.24 -0.93
CA ASN B 37 9.47 -21.95 -0.65
C ASN B 37 10.60 -21.52 -1.53
N LEU B 38 11.39 -20.56 -1.09
CA LEU B 38 12.50 -20.09 -1.89
C LEU B 38 13.71 -20.94 -1.54
N PRO B 39 14.60 -21.22 -2.52
CA PRO B 39 15.82 -21.97 -2.20
C PRO B 39 17.00 -21.09 -1.69
N GLY B 40 17.96 -21.72 -1.02
CA GLY B 40 19.25 -21.10 -0.74
C GLY B 40 19.24 -20.31 0.57
N ARG B 41 20.28 -19.47 0.69
CA ARG B 41 20.65 -18.59 1.79
C ARG B 41 19.80 -17.31 1.82
N TRP B 42 19.62 -16.79 3.02
CA TRP B 42 18.74 -15.66 3.23
C TRP B 42 19.18 -14.95 4.46
N LYS B 43 18.83 -13.68 4.60
CA LYS B 43 19.17 -12.94 5.83
C LYS B 43 17.95 -12.48 6.62
N PRO B 44 17.99 -12.58 7.98
CA PRO B 44 16.85 -12.14 8.78
C PRO B 44 16.66 -10.61 8.65
N LYS B 45 15.41 -10.16 8.57
CA LYS B 45 15.14 -8.72 8.53
C LYS B 45 13.81 -8.43 9.24
N LEU B 46 13.61 -7.19 9.67
CA LEU B 46 12.33 -6.82 10.32
C LEU B 46 11.72 -5.77 9.44
N ILE B 47 10.42 -5.87 9.19
CA ILE B 47 9.77 -4.83 8.44
C ILE B 47 8.64 -4.25 9.27
N GLY B 48 8.34 -2.99 9.00
CA GLY B 48 7.25 -2.37 9.72
C GLY B 48 6.05 -2.00 8.88
N GLY B 49 4.90 -2.03 9.48
CA GLY B 49 3.74 -1.51 8.77
C GLY B 49 2.84 -0.92 9.80
N ILE B 50 1.58 -0.73 9.43
CA ILE B 50 0.62 -0.32 10.42
C ILE B 50 0.36 -1.53 11.31
N GLY B 51 0.36 -1.28 12.61
CA GLY B 51 0.09 -2.32 13.56
C GLY B 51 1.33 -2.85 14.25
N GLY B 52 2.51 -2.50 13.78
CA GLY B 52 3.71 -3.07 14.31
C GLY B 52 4.62 -3.71 13.28
N PHE B 53 5.39 -4.72 13.71
CA PHE B 53 6.57 -5.18 12.96
C PHE B 53 6.68 -6.68 12.92
N VAL B 54 7.23 -7.21 11.83
CA VAL B 54 7.25 -8.62 11.58
C VAL B 54 8.68 -9.05 11.20
N LYS B 55 9.08 -10.20 11.73
CA LYS B 55 10.38 -10.83 11.38
C LYS B 55 10.21 -11.47 10.03
N VAL B 56 11.13 -11.20 9.09
CA VAL B 56 11.09 -11.86 7.77
C VAL B 56 12.42 -12.49 7.34
N ARG B 57 12.38 -13.44 6.40
CA ARG B 57 13.62 -13.78 5.63
C ARG B 57 13.78 -12.93 4.35
N GLN B 58 14.96 -12.37 4.13
CA GLN B 58 15.19 -11.68 2.90
C GLN B 58 15.94 -12.60 1.94
N TYR B 59 15.36 -12.82 0.75
CA TYR B 59 16.03 -13.48 -0.38
C TYR B 59 16.38 -12.49 -1.51
N ASP B 60 17.64 -12.51 -1.96
CA ASP B 60 18.06 -11.63 -3.03
C ASP B 60 17.98 -12.41 -4.30
N GLN B 61 17.77 -11.66 -5.37
CA GLN B 61 17.85 -12.14 -6.74
C GLN B 61 16.91 -13.28 -7.05
N VAL B 62 15.65 -13.06 -6.75
CA VAL B 62 14.65 -14.13 -6.90
C VAL B 62 13.90 -13.84 -8.16
N PRO B 63 13.84 -14.80 -9.11
CA PRO B 63 13.01 -14.59 -10.31
C PRO B 63 11.57 -14.68 -9.90
N ILE B 64 10.71 -13.83 -10.47
CA ILE B 64 9.29 -13.82 -10.17
C ILE B 64 8.58 -13.26 -11.43
N GLU B 65 7.47 -13.87 -11.79
CA GLU B 65 6.80 -13.47 -13.01
C GLU B 65 5.47 -12.89 -12.52
N ILE B 66 5.15 -11.66 -12.91
CA ILE B 66 4.12 -10.86 -12.19
C ILE B 66 3.20 -10.41 -13.29
N CYS B 67 2.03 -11.04 -13.37
CA CYS B 67 1.15 -10.80 -14.48
C CYS B 67 1.92 -11.08 -15.82
N GLY B 68 2.64 -12.21 -15.95
CA GLY B 68 3.28 -12.59 -17.25
C GLY B 68 4.50 -11.75 -17.64
N HIS B 69 5.02 -10.95 -16.70
CA HIS B 69 6.24 -10.15 -16.93
C HIS B 69 7.29 -10.72 -15.98
N LYS B 70 8.42 -11.15 -16.53
CA LYS B 70 9.55 -11.71 -15.76
C LYS B 70 10.51 -10.64 -15.24
N VAL B 71 10.66 -10.57 -13.93
CA VAL B 71 11.60 -9.66 -13.27
C VAL B 71 12.44 -10.49 -12.24
N ILE B 72 13.50 -9.86 -11.69
CA ILE B 72 14.33 -10.45 -10.65
C ILE B 72 14.52 -9.44 -9.57
N GLY B 73 14.36 -9.85 -8.33
CA GLY B 73 14.75 -8.95 -7.24
C GLY B 73 14.56 -9.51 -5.90
N THR B 74 14.59 -8.62 -4.89
CA THR B 74 14.45 -9.05 -3.49
C THR B 74 13.04 -9.36 -3.12
N VAL B 75 12.85 -10.53 -2.49
CA VAL B 75 11.57 -11.00 -2.05
C VAL B 75 11.77 -11.34 -0.57
N LEU B 76 10.90 -10.79 0.27
CA LEU B 76 10.85 -11.07 1.72
C LEU B 76 9.76 -12.09 1.98
N VAL B 77 10.07 -13.07 2.85
CA VAL B 77 9.15 -14.11 3.19
C VAL B 77 8.87 -14.12 4.70
N GLY B 78 7.61 -13.97 5.09
CA GLY B 78 7.27 -13.88 6.50
C GLY B 78 5.78 -13.69 6.69
N PRO B 79 5.32 -13.63 7.96
CA PRO B 79 3.89 -13.55 8.25
C PRO B 79 3.20 -12.27 7.78
N THR B 80 2.77 -12.25 6.56
CA THR B 80 1.93 -11.14 6.14
C THR B 80 0.51 -11.64 6.05
N PRO B 81 -0.48 -10.76 6.28
CA PRO B 81 -1.93 -11.05 6.12
C PRO B 81 -2.36 -11.18 4.66
N THR B 82 -1.65 -10.51 3.74
CA THR B 82 -1.82 -10.72 2.30
C THR B 82 -0.48 -10.55 1.59
N ASN B 83 -0.31 -11.28 0.48
CA ASN B 83 0.90 -11.16 -0.31
C ASN B 83 0.93 -9.81 -0.95
N VAL B 84 2.09 -9.20 -0.92
CA VAL B 84 2.24 -7.84 -1.39
C VAL B 84 3.38 -7.76 -2.42
N ILE B 85 3.10 -7.20 -3.61
CA ILE B 85 4.18 -6.74 -4.52
C ILE B 85 4.54 -5.26 -4.22
N GLY B 86 5.80 -5.01 -3.82
CA GLY B 86 6.25 -3.67 -3.46
C GLY B 86 6.75 -2.86 -4.62
N ARG B 87 7.22 -1.65 -4.31
CA ARG B 87 7.73 -0.74 -5.35
C ARG B 87 9.03 -1.28 -5.96
N ASN B 88 9.81 -2.05 -5.20
CA ASN B 88 11.06 -2.64 -5.70
C ASN B 88 10.83 -3.47 -6.97
N LEU B 89 9.70 -4.18 -7.04
CA LEU B 89 9.34 -4.96 -8.27
C LEU B 89 8.45 -4.21 -9.21
N MET B 90 7.57 -3.36 -8.70
CA MET B 90 6.70 -2.55 -9.55
C MET B 90 7.44 -1.66 -10.54
N THR B 91 8.54 -1.05 -10.12
CA THR B 91 9.39 -0.25 -11.00
C THR B 91 10.00 -1.12 -12.09
N GLN B 92 10.26 -2.40 -11.79
CA GLN B 92 10.77 -3.28 -12.83
C GLN B 92 9.78 -3.61 -13.94
N ILE B 93 8.48 -3.67 -13.61
CA ILE B 93 7.47 -3.92 -14.65
C ILE B 93 6.97 -2.61 -15.29
N GLY B 94 7.53 -1.48 -14.89
CA GLY B 94 7.11 -0.23 -15.47
C GLY B 94 5.81 0.35 -14.90
N CYS B 95 5.36 -0.12 -13.72
CA CYS B 95 4.13 0.34 -13.11
C CYS B 95 4.13 1.77 -12.63
N THR B 96 3.12 2.53 -13.03
CA THR B 96 2.90 3.90 -12.61
C THR B 96 1.46 4.16 -12.08
N LEU B 97 1.33 5.23 -11.31
CA LEU B 97 0.05 5.79 -10.88
C LEU B 97 -0.34 6.95 -11.80
N ASN B 98 -1.59 7.03 -12.24
CA ASN B 98 -2.01 8.03 -13.20
C ASN B 98 -3.33 8.59 -12.71
N PHE B 99 -3.46 9.91 -12.72
CA PHE B 99 -4.71 10.56 -12.43
C PHE B 99 -4.76 11.94 -13.07
N ARG C 1 7.37 0.82 6.03
CA ARG C 1 7.98 0.04 4.99
C ARG C 1 6.84 -0.58 4.22
N VAL C 2 5.95 -1.35 4.83
CA VAL C 2 4.93 -2.09 4.11
C VAL C 2 3.52 -1.76 4.66
N GLU C 4 -3.35 -2.15 4.44
CA GLU C 4 -4.30 -1.76 5.49
C GLU C 4 -5.67 -2.18 5.03
N ALA C 5 -6.45 -2.78 5.91
CA ALA C 5 -7.74 -3.31 5.58
C ALA C 5 -8.45 -3.64 6.87
#